data_3DUL
#
_entry.id   3DUL
#
_cell.length_a   124.900
_cell.length_b   64.400
_cell.length_c   86.300
_cell.angle_alpha   90.00
_cell.angle_beta   133.70
_cell.angle_gamma   90.00
#
_symmetry.space_group_name_H-M   'C 1 2 1'
#
loop_
_entity.id
_entity.type
_entity.pdbx_description
1 polymer 'O-methyltransferase, putative'
2 water water
#
_entity_poly.entity_id   1
_entity_poly.type   'polypeptide(L)'
_entity_poly.pdbx_seq_one_letter_code
;(MSE)S(MSE)IETWTAVDQYVSDVLIPKDSTLEEVLQVNAAANLPAHDVSPTQGKFLQLLVQIQGARNILEIGTLGGYS
TIWLARGLSSGGRVVTLEASEKHADIARSNIERANLNDRVEVRTGLALDSLQQIENEKYEPFDFIFIDADKQNNPAYFEW
ALKLSRPGTVIIGDNVVREGEVIDNTSNDPRVQGIRRFYELIAAEPRVSATALQTVGSKGYDGFI(MSE)AVVKE
;
_entity_poly.pdbx_strand_id   A,B
#
# COMPACT_ATOMS: atom_id res chain seq x y z
N THR A 6 9.62 -21.56 -0.43
CA THR A 6 8.38 -21.82 -1.20
C THR A 6 7.35 -20.70 -1.10
N TRP A 7 7.60 -19.73 -0.23
CA TRP A 7 6.69 -18.59 -0.11
C TRP A 7 6.88 -17.67 -1.31
N THR A 8 8.13 -17.54 -1.75
CA THR A 8 8.42 -16.72 -2.92
C THR A 8 7.65 -17.37 -4.07
N ALA A 9 7.76 -18.69 -4.16
CA ALA A 9 7.08 -19.45 -5.21
C ALA A 9 5.59 -19.20 -5.13
N VAL A 10 5.06 -19.19 -3.90
CA VAL A 10 3.63 -18.95 -3.72
C VAL A 10 3.24 -17.55 -4.12
N ASP A 11 3.95 -16.54 -3.64
CA ASP A 11 3.60 -15.16 -3.99
C ASP A 11 3.86 -14.90 -5.47
N GLN A 12 4.77 -15.67 -6.06
CA GLN A 12 5.08 -15.53 -7.48
C GLN A 12 3.85 -15.97 -8.25
N TYR A 13 3.22 -17.05 -7.77
CA TYR A 13 2.01 -17.58 -8.40
C TYR A 13 0.85 -16.62 -8.21
N VAL A 14 0.74 -16.05 -7.02
CA VAL A 14 -0.34 -15.10 -6.73
C VAL A 14 -0.24 -13.91 -7.68
N SER A 15 0.98 -13.45 -7.92
CA SER A 15 1.19 -12.32 -8.81
C SER A 15 0.67 -12.67 -10.20
N ASP A 16 0.97 -13.88 -10.63
CA ASP A 16 0.55 -14.35 -11.96
C ASP A 16 -0.95 -14.41 -12.13
N VAL A 17 -1.68 -14.82 -11.10
CA VAL A 17 -3.14 -14.93 -11.22
C VAL A 17 -3.88 -13.62 -10.98
N LEU A 18 -3.39 -12.80 -10.05
CA LEU A 18 -4.04 -11.54 -9.73
C LEU A 18 -3.78 -10.50 -10.81
N ILE A 19 -2.59 -10.52 -11.38
CA ILE A 19 -2.24 -9.56 -12.41
C ILE A 19 -2.22 -10.23 -13.77
N PRO A 20 -3.29 -10.03 -14.55
CA PRO A 20 -3.53 -10.55 -15.90
C PRO A 20 -2.39 -10.24 -16.87
N LYS A 21 -2.08 -11.23 -17.71
CA LYS A 21 -1.03 -11.08 -18.71
C LYS A 21 -1.29 -9.80 -19.50
N ASP A 22 -0.24 -9.00 -19.67
CA ASP A 22 -0.32 -7.74 -20.39
C ASP A 22 0.64 -7.84 -21.58
N SER A 23 0.09 -8.01 -22.78
CA SER A 23 0.90 -8.12 -23.98
C SER A 23 1.87 -6.95 -24.13
N THR A 24 1.39 -5.76 -23.84
CA THR A 24 2.21 -4.55 -23.95
C THR A 24 3.40 -4.64 -23.00
N LEU A 25 3.15 -4.87 -21.72
CA LEU A 25 4.24 -4.97 -20.76
C LEU A 25 5.12 -6.17 -21.07
N GLU A 26 4.56 -7.15 -21.76
CA GLU A 26 5.30 -8.34 -22.13
C GLU A 26 6.44 -7.95 -23.07
N GLU A 27 6.11 -7.17 -24.09
CA GLU A 27 7.15 -6.76 -25.04
C GLU A 27 8.07 -5.68 -24.47
N VAL A 28 7.54 -4.81 -23.61
CA VAL A 28 8.36 -3.76 -23.00
C VAL A 28 9.53 -4.47 -22.32
N LEU A 29 9.24 -5.56 -21.63
CA LEU A 29 10.28 -6.33 -20.94
C LEU A 29 11.19 -7.06 -21.94
N GLN A 30 10.64 -7.43 -23.09
CA GLN A 30 11.43 -8.10 -24.11
C GLN A 30 12.44 -7.10 -24.66
N VAL A 31 12.01 -5.86 -24.80
CA VAL A 31 12.88 -4.79 -25.29
C VAL A 31 13.96 -4.50 -24.25
N ASN A 32 13.57 -4.25 -23.00
CA ASN A 32 14.54 -3.98 -21.96
C ASN A 32 15.58 -5.10 -21.89
N ALA A 33 15.17 -6.31 -22.25
CA ALA A 33 16.08 -7.45 -22.23
C ALA A 33 17.31 -7.18 -23.12
N ALA A 34 17.18 -6.23 -24.03
CA ALA A 34 18.30 -5.90 -24.92
C ALA A 34 18.81 -4.47 -24.70
N ALA A 35 18.17 -3.73 -23.79
CA ALA A 35 18.54 -2.35 -23.51
C ALA A 35 19.72 -2.19 -22.56
N ASN A 36 20.16 -3.29 -21.95
CA ASN A 36 21.28 -3.27 -21.00
C ASN A 36 21.03 -2.32 -19.84
N LEU A 37 19.89 -2.49 -19.19
CA LEU A 37 19.54 -1.67 -18.05
C LEU A 37 20.43 -2.06 -16.88
N PRO A 38 20.73 -1.10 -15.98
CA PRO A 38 21.57 -1.31 -14.81
C PRO A 38 21.51 -2.71 -14.21
N ALA A 39 20.53 -2.93 -13.34
CA ALA A 39 20.32 -4.21 -12.67
C ALA A 39 19.19 -4.00 -11.68
N HIS A 40 17.99 -4.39 -12.07
CA HIS A 40 16.84 -4.21 -11.20
C HIS A 40 15.90 -5.42 -11.18
N ASP A 41 14.87 -5.29 -10.35
CA ASP A 41 13.88 -6.34 -10.22
C ASP A 41 12.60 -5.92 -10.96
N VAL A 42 11.83 -6.89 -11.42
CA VAL A 42 10.59 -6.61 -12.12
C VAL A 42 9.47 -7.13 -11.23
N SER A 43 8.54 -6.25 -10.88
CA SER A 43 7.45 -6.64 -10.00
C SER A 43 6.07 -6.17 -10.45
N PRO A 44 5.29 -7.06 -11.08
CA PRO A 44 3.94 -6.70 -11.53
C PRO A 44 3.09 -6.26 -10.34
N THR A 45 3.28 -6.89 -9.19
CA THR A 45 2.50 -6.52 -8.02
C THR A 45 2.84 -5.11 -7.53
N GLN A 46 4.10 -4.69 -7.63
CA GLN A 46 4.45 -3.34 -7.23
C GLN A 46 3.90 -2.35 -8.26
N GLY A 47 4.01 -2.69 -9.53
CA GLY A 47 3.50 -1.81 -10.57
C GLY A 47 2.01 -1.60 -10.35
N LYS A 48 1.32 -2.70 -10.11
CA LYS A 48 -0.11 -2.67 -9.86
C LYS A 48 -0.38 -1.79 -8.63
N PHE A 49 0.44 -1.95 -7.60
CA PHE A 49 0.31 -1.16 -6.38
C PHE A 49 0.40 0.32 -6.74
N LEU A 50 1.39 0.64 -7.56
CA LEU A 50 1.57 2.02 -7.99
C LEU A 50 0.35 2.54 -8.72
N GLN A 51 -0.16 1.77 -9.69
CA GLN A 51 -1.33 2.24 -10.44
C GLN A 51 -2.55 2.45 -9.54
N LEU A 52 -2.88 1.46 -8.70
CA LEU A 52 -4.02 1.58 -7.82
C LEU A 52 -3.88 2.76 -6.85
N LEU A 53 -2.69 2.95 -6.30
CA LEU A 53 -2.46 4.05 -5.35
C LEU A 53 -2.68 5.39 -6.02
N VAL A 54 -2.18 5.51 -7.24
CA VAL A 54 -2.37 6.74 -8.00
C VAL A 54 -3.87 6.97 -8.17
N GLN A 55 -4.60 5.89 -8.48
CA GLN A 55 -6.03 6.01 -8.67
C GLN A 55 -6.75 6.35 -7.37
N ILE A 56 -6.32 5.74 -6.26
CA ILE A 56 -6.97 6.03 -4.98
C ILE A 56 -6.76 7.49 -4.59
N GLN A 57 -5.54 7.97 -4.76
CA GLN A 57 -5.26 9.35 -4.42
C GLN A 57 -5.94 10.26 -5.43
N GLY A 58 -5.93 9.83 -6.70
CA GLY A 58 -6.51 10.64 -7.75
C GLY A 58 -5.43 11.61 -8.22
N ALA A 59 -4.19 11.13 -8.22
CA ALA A 59 -3.03 11.94 -8.62
C ALA A 59 -3.10 12.43 -10.06
N ARG A 60 -2.68 13.67 -10.28
CA ARG A 60 -2.71 14.26 -11.62
C ARG A 60 -1.33 14.75 -12.06
N ASN A 61 -0.45 14.97 -11.10
CA ASN A 61 0.88 15.45 -11.40
C ASN A 61 1.90 14.52 -10.72
N ILE A 62 2.45 13.60 -11.50
CA ILE A 62 3.39 12.61 -11.00
C ILE A 62 4.86 12.81 -11.38
N LEU A 63 5.75 12.57 -10.42
CA LEU A 63 7.19 12.69 -10.64
C LEU A 63 7.83 11.33 -10.37
N GLU A 64 8.62 10.84 -11.32
CA GLU A 64 9.33 9.58 -11.13
C GLU A 64 10.82 9.82 -11.31
N ILE A 65 11.60 9.39 -10.32
CA ILE A 65 13.04 9.55 -10.36
C ILE A 65 13.66 8.17 -10.60
N GLY A 66 14.19 8.00 -11.82
CA GLY A 66 14.79 6.74 -12.20
C GLY A 66 13.90 6.03 -13.21
N THR A 67 13.86 6.54 -14.43
CA THR A 67 13.02 5.96 -15.48
C THR A 67 13.37 4.54 -15.90
N LEU A 68 14.66 4.22 -15.99
CA LEU A 68 15.10 2.90 -16.43
C LEU A 68 14.48 2.59 -17.80
N GLY A 69 13.82 1.44 -17.91
CA GLY A 69 13.20 1.06 -19.18
C GLY A 69 11.77 1.55 -19.36
N GLY A 70 11.25 2.24 -18.36
CA GLY A 70 9.89 2.78 -18.43
C GLY A 70 8.79 1.87 -17.90
N TYR A 71 9.17 0.71 -17.39
CA TYR A 71 8.20 -0.25 -16.87
C TYR A 71 7.29 0.39 -15.81
N SER A 72 7.87 0.93 -14.76
CA SER A 72 7.07 1.57 -13.72
C SER A 72 6.40 2.83 -14.23
N THR A 73 7.01 3.48 -15.21
CA THR A 73 6.43 4.68 -15.77
C THR A 73 5.07 4.34 -16.35
N ILE A 74 5.00 3.20 -17.04
CA ILE A 74 3.75 2.75 -17.66
C ILE A 74 2.67 2.53 -16.61
N TRP A 75 2.99 1.77 -15.57
CA TRP A 75 2.02 1.53 -14.48
C TRP A 75 1.52 2.84 -13.85
N LEU A 76 2.42 3.80 -13.64
CA LEU A 76 2.01 5.07 -13.06
C LEU A 76 1.07 5.83 -14.00
N ALA A 77 1.49 5.99 -15.26
CA ALA A 77 0.69 6.71 -16.24
C ALA A 77 -0.67 6.06 -16.42
N ARG A 78 -0.70 4.74 -16.29
CA ARG A 78 -1.93 3.98 -16.43
C ARG A 78 -2.95 4.40 -15.37
N GLY A 79 -2.46 4.95 -14.25
CA GLY A 79 -3.36 5.37 -13.19
C GLY A 79 -3.87 6.80 -13.29
N LEU A 80 -3.23 7.62 -14.10
CA LEU A 80 -3.61 9.02 -14.23
C LEU A 80 -5.08 9.35 -14.47
N SER A 81 -5.52 10.45 -13.86
CA SER A 81 -6.90 10.91 -14.00
C SER A 81 -7.13 11.65 -15.32
N SER A 82 -7.99 12.67 -15.27
CA SER A 82 -8.35 13.49 -16.42
C SER A 82 -7.20 13.74 -17.40
N GLY A 83 -6.61 14.92 -17.33
CA GLY A 83 -5.50 15.26 -18.20
C GLY A 83 -4.22 15.35 -17.39
N GLY A 84 -3.90 14.27 -16.68
CA GLY A 84 -2.72 14.25 -15.85
C GLY A 84 -1.40 14.04 -16.58
N ARG A 85 -0.32 13.99 -15.84
CA ARG A 85 0.99 13.80 -16.42
C ARG A 85 2.01 13.19 -15.49
N VAL A 86 2.99 12.53 -16.08
CA VAL A 86 4.08 11.90 -15.36
C VAL A 86 5.37 12.51 -15.92
N VAL A 87 6.21 13.06 -15.05
CA VAL A 87 7.50 13.58 -15.49
C VAL A 87 8.48 12.57 -14.92
N THR A 88 9.24 11.90 -15.79
CA THR A 88 10.18 10.91 -15.31
C THR A 88 11.60 11.26 -15.69
N LEU A 89 12.51 11.06 -14.74
CA LEU A 89 13.93 11.40 -14.91
C LEU A 89 14.86 10.21 -15.06
N GLU A 90 15.76 10.30 -16.04
CA GLU A 90 16.77 9.26 -16.24
C GLU A 90 18.02 9.89 -16.83
N ALA A 91 19.17 9.55 -16.26
CA ALA A 91 20.44 10.11 -16.70
C ALA A 91 20.91 9.58 -18.06
N SER A 92 20.91 8.27 -18.22
CA SER A 92 21.36 7.64 -19.47
C SER A 92 20.57 8.07 -20.71
N GLU A 93 21.27 8.62 -21.69
CA GLU A 93 20.63 9.05 -22.93
C GLU A 93 20.07 7.83 -23.63
N LYS A 94 20.84 6.75 -23.64
CA LYS A 94 20.43 5.51 -24.30
C LYS A 94 19.20 4.87 -23.65
N HIS A 95 19.28 4.65 -22.34
CA HIS A 95 18.17 4.02 -21.64
C HIS A 95 16.89 4.84 -21.75
N ALA A 96 17.01 6.16 -21.61
CA ALA A 96 15.84 7.04 -21.72
C ALA A 96 15.21 6.91 -23.11
N ASP A 97 16.05 6.72 -24.13
CA ASP A 97 15.55 6.58 -25.50
C ASP A 97 14.75 5.28 -25.63
N ILE A 98 15.24 4.21 -25.02
CA ILE A 98 14.56 2.93 -25.04
C ILE A 98 13.24 3.08 -24.25
N ALA A 99 13.31 3.87 -23.17
CA ALA A 99 12.14 4.10 -22.33
C ALA A 99 11.05 4.83 -23.11
N ARG A 100 11.44 5.86 -23.87
CA ARG A 100 10.48 6.63 -24.67
C ARG A 100 9.76 5.73 -25.66
N SER A 101 10.50 4.78 -26.24
CA SER A 101 9.92 3.86 -27.21
C SER A 101 8.94 2.91 -26.52
N ASN A 102 9.31 2.42 -25.34
CA ASN A 102 8.44 1.52 -24.60
C ASN A 102 7.18 2.24 -24.16
N ILE A 103 7.32 3.51 -23.77
CA ILE A 103 6.20 4.32 -23.34
C ILE A 103 5.28 4.56 -24.54
N GLU A 104 5.88 4.77 -25.71
CA GLU A 104 5.08 5.00 -26.91
C GLU A 104 4.32 3.72 -27.25
N ARG A 105 4.99 2.59 -27.09
CA ARG A 105 4.41 1.28 -27.35
C ARG A 105 3.12 1.09 -26.54
N ALA A 106 3.11 1.58 -25.31
CA ALA A 106 1.93 1.47 -24.45
C ALA A 106 0.96 2.61 -24.73
N ASN A 107 1.26 3.42 -25.75
CA ASN A 107 0.42 4.55 -26.13
C ASN A 107 0.15 5.51 -24.97
N LEU A 108 1.20 5.89 -24.27
CA LEU A 108 1.09 6.81 -23.13
C LEU A 108 2.07 7.96 -23.25
N ASN A 109 2.70 8.09 -24.42
CA ASN A 109 3.66 9.15 -24.64
C ASN A 109 3.03 10.53 -24.55
N ASP A 110 1.71 10.61 -24.72
CA ASP A 110 1.01 11.89 -24.66
C ASP A 110 0.82 12.40 -23.23
N ARG A 111 1.09 11.54 -22.25
CA ARG A 111 0.91 11.96 -20.86
C ARG A 111 2.20 11.78 -20.05
N VAL A 112 3.29 11.45 -20.75
CA VAL A 112 4.57 11.25 -20.09
C VAL A 112 5.70 12.04 -20.72
N GLU A 113 6.48 12.68 -19.88
CA GLU A 113 7.63 13.46 -20.31
C GLU A 113 8.88 12.83 -19.72
N VAL A 114 9.77 12.34 -20.58
CA VAL A 114 11.01 11.72 -20.12
C VAL A 114 12.15 12.73 -20.23
N ARG A 115 12.62 13.21 -19.07
CA ARG A 115 13.71 14.19 -19.03
C ARG A 115 15.04 13.48 -18.87
N THR A 116 15.94 13.69 -19.81
CA THR A 116 17.25 13.05 -19.76
C THR A 116 18.28 13.99 -19.14
N GLY A 117 19.26 13.40 -18.46
CA GLY A 117 20.30 14.20 -17.82
C GLY A 117 20.47 13.84 -16.35
N LEU A 118 21.54 14.35 -15.74
CA LEU A 118 21.79 14.08 -14.32
C LEU A 118 20.54 14.41 -13.51
N ALA A 119 20.06 13.45 -12.72
CA ALA A 119 18.85 13.64 -11.91
C ALA A 119 18.87 14.95 -11.11
N LEU A 120 19.98 15.21 -10.42
CA LEU A 120 20.11 16.43 -9.62
C LEU A 120 19.94 17.69 -10.45
N ASP A 121 20.49 17.70 -11.67
CA ASP A 121 20.34 18.87 -12.53
C ASP A 121 18.88 19.04 -12.90
N SER A 122 18.25 17.94 -13.30
CA SER A 122 16.84 17.98 -13.70
C SER A 122 15.96 18.40 -12.54
N LEU A 123 16.25 17.90 -11.34
CA LEU A 123 15.43 18.26 -10.19
C LEU A 123 15.52 19.76 -9.97
N GLN A 124 16.72 20.33 -10.09
CA GLN A 124 16.89 21.77 -9.92
C GLN A 124 16.15 22.54 -11.01
N GLN A 125 16.18 22.04 -12.24
CA GLN A 125 15.50 22.69 -13.34
C GLN A 125 13.99 22.69 -13.14
N ILE A 126 13.47 21.58 -12.61
CA ILE A 126 12.04 21.47 -12.34
C ILE A 126 11.66 22.46 -11.25
N GLU A 127 12.54 22.64 -10.26
CA GLU A 127 12.27 23.57 -9.17
C GLU A 127 12.34 25.01 -9.69
N ASN A 128 13.08 25.20 -10.77
CA ASN A 128 13.25 26.52 -11.37
C ASN A 128 12.20 26.80 -12.45
N GLU A 129 11.30 25.85 -12.65
CA GLU A 129 10.25 26.01 -13.63
C GLU A 129 8.87 26.08 -12.98
N LYS A 130 7.84 26.28 -13.79
CA LYS A 130 6.48 26.43 -13.31
C LYS A 130 5.76 25.15 -12.90
N TYR A 131 6.49 24.05 -12.82
CA TYR A 131 5.89 22.78 -12.41
C TYR A 131 5.22 22.99 -11.06
N GLU A 132 3.95 22.62 -10.96
CA GLU A 132 3.24 22.75 -9.70
C GLU A 132 3.79 21.65 -8.80
N PRO A 133 3.53 21.71 -7.49
CA PRO A 133 4.05 20.64 -6.63
C PRO A 133 3.45 19.32 -7.11
N PHE A 134 4.20 18.24 -7.02
CA PHE A 134 3.69 16.94 -7.46
C PHE A 134 2.79 16.31 -6.41
N ASP A 135 1.75 15.58 -6.85
CA ASP A 135 0.82 14.91 -5.94
C ASP A 135 1.34 13.52 -5.56
N PHE A 136 2.16 12.94 -6.43
CA PHE A 136 2.67 11.60 -6.22
C PHE A 136 4.09 11.50 -6.79
N ILE A 137 4.98 10.88 -6.03
CA ILE A 137 6.37 10.75 -6.44
C ILE A 137 6.91 9.34 -6.22
N PHE A 138 7.49 8.78 -7.27
CA PHE A 138 8.06 7.44 -7.18
C PHE A 138 9.57 7.51 -7.34
N ILE A 139 10.28 6.94 -6.37
CA ILE A 139 11.73 6.93 -6.40
C ILE A 139 12.26 5.51 -6.56
N ASP A 140 12.95 5.27 -7.66
CA ASP A 140 13.53 3.96 -7.94
C ASP A 140 14.94 4.25 -8.43
N ALA A 141 15.78 4.66 -7.50
CA ALA A 141 17.15 5.03 -7.81
C ALA A 141 18.24 4.19 -7.15
N ASP A 142 19.46 4.71 -7.27
CA ASP A 142 20.67 4.11 -6.74
C ASP A 142 20.53 3.55 -5.32
N LYS A 143 21.04 4.31 -4.35
CA LYS A 143 21.01 3.93 -2.94
C LYS A 143 21.82 5.00 -2.24
N GLN A 144 22.92 5.38 -2.87
CA GLN A 144 23.75 6.44 -2.34
C GLN A 144 22.96 7.70 -2.67
N ASN A 145 21.99 7.52 -3.55
CA ASN A 145 21.15 8.62 -3.99
C ASN A 145 19.79 8.70 -3.27
N ASN A 146 19.37 7.63 -2.60
CA ASN A 146 18.08 7.67 -1.91
C ASN A 146 17.87 8.87 -0.98
N PRO A 147 18.85 9.18 -0.12
CA PRO A 147 18.70 10.32 0.79
C PRO A 147 18.42 11.62 0.04
N ALA A 148 19.27 11.93 -0.95
CA ALA A 148 19.10 13.14 -1.73
C ALA A 148 17.76 13.20 -2.46
N TYR A 149 17.42 12.14 -3.18
CA TYR A 149 16.16 12.12 -3.92
C TYR A 149 14.94 12.25 -3.03
N PHE A 150 15.02 11.72 -1.81
CA PHE A 150 13.89 11.83 -0.89
C PHE A 150 13.74 13.30 -0.48
N GLU A 151 14.84 13.93 -0.13
CA GLU A 151 14.79 15.35 0.26
C GLU A 151 14.30 16.19 -0.90
N TRP A 152 14.71 15.85 -2.12
CA TRP A 152 14.25 16.61 -3.27
C TRP A 152 12.76 16.33 -3.53
N ALA A 153 12.33 15.09 -3.33
CA ALA A 153 10.93 14.77 -3.52
C ALA A 153 10.10 15.66 -2.60
N LEU A 154 10.53 15.76 -1.34
CA LEU A 154 9.84 16.58 -0.34
C LEU A 154 9.79 18.02 -0.80
N LYS A 155 10.94 18.52 -1.25
CA LYS A 155 11.07 19.88 -1.74
C LYS A 155 10.02 20.22 -2.82
N LEU A 156 9.72 19.25 -3.68
CA LEU A 156 8.78 19.47 -4.77
C LEU A 156 7.39 18.94 -4.49
N SER A 157 7.09 18.76 -3.20
CA SER A 157 5.79 18.25 -2.77
C SER A 157 4.93 19.31 -2.12
N ARG A 158 3.75 18.89 -1.67
CA ARG A 158 2.82 19.75 -0.97
C ARG A 158 2.13 18.84 0.05
N PRO A 159 1.41 19.42 1.01
CA PRO A 159 0.72 18.58 2.01
C PRO A 159 -0.22 17.59 1.34
N GLY A 160 -0.05 16.31 1.66
CA GLY A 160 -0.90 15.29 1.06
C GLY A 160 -0.17 14.49 -0.01
N THR A 161 0.97 14.99 -0.47
CA THR A 161 1.74 14.27 -1.50
C THR A 161 2.16 12.90 -1.03
N VAL A 162 1.99 11.92 -1.91
CA VAL A 162 2.40 10.55 -1.61
C VAL A 162 3.78 10.33 -2.21
N ILE A 163 4.68 9.75 -1.41
CA ILE A 163 6.02 9.43 -1.86
C ILE A 163 6.31 7.95 -1.64
N ILE A 164 6.58 7.26 -2.73
CA ILE A 164 6.90 5.84 -2.66
C ILE A 164 8.36 5.73 -3.06
N GLY A 165 9.17 5.10 -2.21
CA GLY A 165 10.57 4.97 -2.54
C GLY A 165 11.09 3.56 -2.41
N ASP A 166 11.64 3.03 -3.51
CA ASP A 166 12.21 1.68 -3.51
C ASP A 166 13.48 1.65 -2.68
N ASN A 167 13.66 0.58 -1.92
CA ASN A 167 14.86 0.47 -1.13
C ASN A 167 15.76 -0.62 -1.68
N VAL A 168 15.52 -1.85 -1.24
CA VAL A 168 16.36 -2.96 -1.70
C VAL A 168 15.58 -4.23 -2.03
N VAL A 169 16.15 -5.03 -2.92
CA VAL A 169 15.54 -6.29 -3.31
C VAL A 169 16.13 -7.38 -2.42
N ARG A 170 15.28 -8.03 -1.64
CA ARG A 170 15.74 -9.07 -0.73
C ARG A 170 15.09 -10.42 -1.02
N ILE A 187 20.73 1.56 4.61
CA ILE A 187 19.41 0.98 4.79
C ILE A 187 18.79 1.49 6.09
N ARG A 188 19.43 1.16 7.22
CA ARG A 188 18.94 1.62 8.50
C ARG A 188 19.02 3.14 8.57
N ARG A 189 20.09 3.70 8.00
CA ARG A 189 20.26 5.14 8.02
C ARG A 189 19.26 5.89 7.14
N PHE A 190 18.83 5.27 6.05
CA PHE A 190 17.84 5.90 5.17
C PHE A 190 16.49 6.00 5.86
N TYR A 191 16.18 5.01 6.71
CA TYR A 191 14.92 5.02 7.42
C TYR A 191 15.03 5.92 8.64
N GLU A 192 16.23 6.01 9.20
CA GLU A 192 16.46 6.89 10.35
C GLU A 192 16.28 8.30 9.85
N LEU A 193 16.72 8.52 8.61
CA LEU A 193 16.60 9.82 7.96
C LEU A 193 15.12 10.17 7.91
N ILE A 194 14.34 9.28 7.32
CA ILE A 194 12.90 9.47 7.20
C ILE A 194 12.29 9.65 8.58
N ALA A 195 12.66 8.77 9.49
CA ALA A 195 12.17 8.83 10.86
C ALA A 195 12.54 10.17 11.48
N ALA A 196 13.61 10.77 10.98
CA ALA A 196 14.08 12.07 11.47
C ALA A 196 13.54 13.23 10.64
N GLU A 197 12.56 12.94 9.79
CA GLU A 197 11.95 13.97 8.96
C GLU A 197 10.49 14.15 9.36
N PRO A 198 10.22 15.13 10.24
CA PRO A 198 8.90 15.47 10.77
C PRO A 198 7.88 15.90 9.73
N ARG A 199 8.35 16.30 8.55
CA ARG A 199 7.45 16.74 7.49
C ARG A 199 6.71 15.58 6.83
N VAL A 200 7.10 14.36 7.18
CA VAL A 200 6.48 13.17 6.60
C VAL A 200 6.10 12.11 7.65
N SER A 201 5.12 11.29 7.29
CA SER A 201 4.64 10.17 8.10
C SER A 201 4.75 8.97 7.16
N ALA A 202 5.48 7.93 7.55
CA ALA A 202 5.65 6.79 6.65
C ALA A 202 5.59 5.40 7.27
N THR A 203 5.57 4.40 6.38
CA THR A 203 5.57 3.00 6.77
C THR A 203 6.41 2.27 5.72
N ALA A 204 6.67 1.01 5.97
CA ALA A 204 7.46 0.21 5.04
C ALA A 204 6.78 -1.11 4.77
N LEU A 205 6.87 -1.56 3.52
CA LEU A 205 6.29 -2.84 3.14
C LEU A 205 7.06 -3.39 1.96
N GLN A 206 6.57 -4.47 1.40
CA GLN A 206 7.22 -5.06 0.25
C GLN A 206 6.23 -5.86 -0.58
N THR A 207 6.69 -6.31 -1.73
CA THR A 207 5.88 -7.08 -2.64
C THR A 207 6.86 -8.01 -3.35
N VAL A 208 6.38 -9.13 -3.89
CA VAL A 208 7.29 -10.04 -4.56
C VAL A 208 7.68 -9.54 -5.94
N GLY A 209 8.86 -9.95 -6.40
CA GLY A 209 9.34 -9.56 -7.69
C GLY A 209 10.03 -10.74 -8.35
N SER A 210 10.46 -10.58 -9.59
CA SER A 210 11.13 -11.66 -10.30
C SER A 210 12.39 -12.14 -9.60
N LYS A 211 13.16 -11.21 -9.03
CA LYS A 211 14.40 -11.56 -8.34
C LYS A 211 14.35 -11.32 -6.83
N GLY A 212 13.27 -11.78 -6.20
CA GLY A 212 13.13 -11.61 -4.76
C GLY A 212 12.14 -10.52 -4.42
N TYR A 213 11.95 -10.26 -3.13
CA TYR A 213 11.01 -9.23 -2.69
C TYR A 213 11.56 -7.80 -2.79
N ASP A 214 10.67 -6.88 -3.16
CA ASP A 214 11.02 -5.47 -3.28
C ASP A 214 10.55 -4.72 -2.05
N GLY A 215 11.49 -4.17 -1.29
CA GLY A 215 11.13 -3.42 -0.11
C GLY A 215 11.02 -1.95 -0.44
N PHE A 216 10.00 -1.29 0.08
CA PHE A 216 9.84 0.14 -0.19
C PHE A 216 9.11 0.90 0.90
N ILE A 217 9.39 2.20 0.97
CA ILE A 217 8.74 3.03 1.96
C ILE A 217 7.56 3.74 1.31
N MSE A 218 6.50 3.95 2.08
CA MSE A 218 5.33 4.66 1.58
C MSE A 218 5.16 5.79 2.57
O MSE A 218 4.97 5.57 3.76
CB MSE A 218 4.09 3.77 1.57
CG MSE A 218 2.81 4.56 1.29
SE MSE A 218 1.18 3.50 1.20
CE MSE A 218 0.10 4.72 0.18
N ALA A 219 5.24 7.02 2.07
CA ALA A 219 5.12 8.17 2.95
C ALA A 219 4.14 9.21 2.44
N VAL A 220 3.58 9.98 3.37
CA VAL A 220 2.64 11.04 3.01
C VAL A 220 3.14 12.33 3.67
N VAL A 221 3.24 13.40 2.88
CA VAL A 221 3.72 14.65 3.42
C VAL A 221 2.65 15.31 4.28
N LYS A 222 3.05 15.76 5.46
CA LYS A 222 2.11 16.40 6.38
C LYS A 222 1.91 17.89 6.08
N THR B 6 18.72 -12.29 7.88
CA THR B 6 18.26 -11.53 9.08
C THR B 6 17.39 -10.36 8.61
N TRP B 7 16.62 -10.57 7.56
CA TRP B 7 15.75 -9.53 7.02
C TRP B 7 14.59 -9.19 7.93
N THR B 8 14.08 -10.19 8.65
CA THR B 8 12.98 -9.93 9.56
C THR B 8 13.48 -8.98 10.64
N ALA B 9 14.69 -9.24 11.13
CA ALA B 9 15.30 -8.41 12.17
C ALA B 9 15.47 -7.00 11.66
N VAL B 10 15.94 -6.88 10.44
CA VAL B 10 16.15 -5.56 9.85
C VAL B 10 14.83 -4.80 9.69
N ASP B 11 13.79 -5.49 9.22
CA ASP B 11 12.51 -4.83 9.03
C ASP B 11 11.79 -4.48 10.33
N GLN B 12 12.05 -5.24 11.39
CA GLN B 12 11.40 -4.94 12.65
C GLN B 12 12.10 -3.73 13.24
N TYR B 13 13.38 -3.59 12.96
CA TYR B 13 14.14 -2.44 13.44
C TYR B 13 13.57 -1.21 12.73
N VAL B 14 13.36 -1.35 11.42
CA VAL B 14 12.81 -0.28 10.59
C VAL B 14 11.44 0.13 11.12
N SER B 15 10.62 -0.86 11.48
CA SER B 15 9.30 -0.57 12.01
C SER B 15 9.44 0.25 13.28
N ASP B 16 10.47 -0.07 14.06
CA ASP B 16 10.72 0.63 15.32
C ASP B 16 11.14 2.08 15.14
N VAL B 17 11.91 2.38 14.10
CA VAL B 17 12.35 3.75 13.90
C VAL B 17 11.33 4.60 13.14
N LEU B 18 10.71 4.01 12.12
CA LEU B 18 9.72 4.72 11.32
C LEU B 18 8.43 5.02 12.07
N ILE B 19 7.99 4.08 12.89
CA ILE B 19 6.76 4.25 13.64
C ILE B 19 7.04 4.55 15.11
N PRO B 20 6.68 5.76 15.56
CA PRO B 20 6.85 6.28 16.92
C PRO B 20 6.13 5.45 17.98
N LYS B 21 6.84 5.14 19.06
CA LYS B 21 6.23 4.40 20.16
C LYS B 21 5.02 5.19 20.65
N ASP B 22 3.88 4.52 20.74
CA ASP B 22 2.65 5.17 21.19
C ASP B 22 2.20 4.52 22.50
N SER B 23 2.23 5.30 23.58
CA SER B 23 1.82 4.79 24.89
C SER B 23 0.43 4.16 24.84
N THR B 24 -0.48 4.80 24.11
CA THR B 24 -1.85 4.31 23.98
C THR B 24 -1.86 2.89 23.40
N LEU B 25 -1.26 2.73 22.21
CA LEU B 25 -1.22 1.41 21.60
C LEU B 25 -0.38 0.46 22.43
N GLU B 26 0.54 1.03 23.20
CA GLU B 26 1.40 0.25 24.08
C GLU B 26 0.52 -0.49 25.09
N GLU B 27 -0.32 0.24 25.81
CA GLU B 27 -1.17 -0.40 26.80
C GLU B 27 -2.28 -1.23 26.19
N VAL B 28 -2.75 -0.85 25.00
CA VAL B 28 -3.78 -1.63 24.32
C VAL B 28 -3.26 -3.05 24.16
N LEU B 29 -1.99 -3.18 23.81
CA LEU B 29 -1.38 -4.48 23.64
C LEU B 29 -1.19 -5.18 25.00
N GLN B 30 -0.91 -4.39 26.03
CA GLN B 30 -0.75 -4.97 27.37
C GLN B 30 -2.09 -5.56 27.81
N VAL B 31 -3.16 -4.85 27.49
CA VAL B 31 -4.52 -5.30 27.83
C VAL B 31 -4.85 -6.56 27.04
N ASN B 32 -4.57 -6.55 25.75
CA ASN B 32 -4.85 -7.73 24.93
C ASN B 32 -4.05 -8.92 25.42
N ALA B 33 -2.89 -8.66 26.03
CA ALA B 33 -2.06 -9.76 26.54
C ALA B 33 -2.83 -10.62 27.55
N ALA B 34 -3.88 -10.06 28.13
CA ALA B 34 -4.68 -10.81 29.10
C ALA B 34 -6.10 -11.08 28.59
N ALA B 35 -6.36 -10.70 27.34
CA ALA B 35 -7.68 -10.87 26.73
C ALA B 35 -7.93 -12.24 26.11
N ASN B 36 -6.91 -13.08 26.08
CA ASN B 36 -7.00 -14.43 25.51
C ASN B 36 -7.59 -14.37 24.11
N LEU B 37 -7.01 -13.51 23.28
CA LEU B 37 -7.48 -13.36 21.91
C LEU B 37 -6.95 -14.48 21.03
N PRO B 38 -7.66 -14.76 19.93
CA PRO B 38 -7.25 -15.82 19.00
C PRO B 38 -5.85 -15.49 18.48
N ALA B 39 -5.07 -16.52 18.16
CA ALA B 39 -3.72 -16.33 17.66
C ALA B 39 -3.66 -15.34 16.50
N HIS B 40 -2.84 -14.30 16.65
CA HIS B 40 -2.70 -13.30 15.60
C HIS B 40 -1.38 -12.54 15.73
N ASP B 41 -0.99 -11.86 14.66
CA ASP B 41 0.24 -11.11 14.67
C ASP B 41 -0.02 -9.62 14.87
N VAL B 42 0.99 -8.89 15.33
CA VAL B 42 0.86 -7.46 15.58
C VAL B 42 1.83 -6.74 14.66
N SER B 43 1.30 -5.86 13.82
CA SER B 43 2.13 -5.13 12.86
C SER B 43 1.90 -3.62 12.83
N PRO B 44 2.77 -2.86 13.51
CA PRO B 44 2.65 -1.41 13.53
C PRO B 44 2.76 -0.84 12.11
N THR B 45 3.61 -1.45 11.28
CA THR B 45 3.76 -0.99 9.90
C THR B 45 2.47 -1.20 9.11
N GLN B 46 1.74 -2.29 9.39
CA GLN B 46 0.48 -2.50 8.69
C GLN B 46 -0.56 -1.52 9.23
N GLY B 47 -0.53 -1.27 10.53
CA GLY B 47 -1.46 -0.33 11.12
C GLY B 47 -1.26 1.04 10.48
N LYS B 48 0.00 1.44 10.36
CA LYS B 48 0.34 2.72 9.76
C LYS B 48 -0.18 2.75 8.32
N PHE B 49 0.06 1.66 7.60
CA PHE B 49 -0.38 1.53 6.21
C PHE B 49 -1.88 1.78 6.14
N LEU B 50 -2.62 1.17 7.06
CA LEU B 50 -4.06 1.36 7.07
C LEU B 50 -4.42 2.82 7.33
N GLN B 51 -3.82 3.43 8.34
CA GLN B 51 -4.15 4.82 8.64
C GLN B 51 -3.84 5.72 7.43
N LEU B 52 -2.62 5.61 6.89
CA LEU B 52 -2.21 6.41 5.74
C LEU B 52 -3.13 6.19 4.53
N LEU B 53 -3.45 4.94 4.22
CA LEU B 53 -4.31 4.67 3.08
C LEU B 53 -5.69 5.28 3.28
N VAL B 54 -6.20 5.22 4.50
CA VAL B 54 -7.51 5.80 4.80
C VAL B 54 -7.40 7.32 4.55
N GLN B 55 -6.28 7.90 4.94
CA GLN B 55 -6.07 9.33 4.76
C GLN B 55 -5.92 9.69 3.28
N ILE B 56 -5.17 8.88 2.54
CA ILE B 56 -4.97 9.15 1.12
C ILE B 56 -6.31 9.09 0.40
N GLN B 57 -7.09 8.06 0.68
CA GLN B 57 -8.40 7.96 0.04
C GLN B 57 -9.38 9.00 0.58
N GLY B 58 -9.20 9.40 1.83
CA GLY B 58 -10.13 10.36 2.43
C GLY B 58 -11.40 9.62 2.84
N ALA B 59 -11.23 8.37 3.26
CA ALA B 59 -12.35 7.52 3.67
C ALA B 59 -13.14 8.13 4.83
N ARG B 60 -14.46 7.98 4.80
CA ARG B 60 -15.34 8.52 5.84
C ARG B 60 -16.26 7.46 6.44
N ASN B 61 -16.47 6.37 5.72
CA ASN B 61 -17.35 5.30 6.18
C ASN B 61 -16.57 4.00 6.04
N ILE B 62 -16.02 3.52 7.16
CA ILE B 62 -15.20 2.33 7.15
C ILE B 62 -15.85 1.10 7.80
N LEU B 63 -15.59 -0.06 7.21
CA LEU B 63 -16.09 -1.33 7.75
C LEU B 63 -14.90 -2.23 8.05
N GLU B 64 -14.86 -2.80 9.27
CA GLU B 64 -13.80 -3.72 9.62
C GLU B 64 -14.46 -5.05 10.04
N ILE B 65 -13.94 -6.14 9.49
CA ILE B 65 -14.48 -7.46 9.81
C ILE B 65 -13.40 -8.21 10.59
N GLY B 66 -13.63 -8.39 11.89
CA GLY B 66 -12.66 -9.07 12.73
C GLY B 66 -11.98 -8.11 13.70
N THR B 67 -12.78 -7.50 14.56
CA THR B 67 -12.29 -6.53 15.55
C THR B 67 -11.17 -7.01 16.46
N LEU B 68 -11.30 -8.23 16.97
CA LEU B 68 -10.30 -8.77 17.89
C LEU B 68 -10.20 -7.82 19.08
N GLY B 69 -8.99 -7.36 19.37
CA GLY B 69 -8.78 -6.45 20.49
C GLY B 69 -8.88 -4.96 20.17
N GLY B 70 -9.15 -4.65 18.90
CA GLY B 70 -9.30 -3.27 18.50
C GLY B 70 -8.03 -2.55 18.05
N TYR B 71 -6.93 -3.27 18.00
CA TYR B 71 -5.65 -2.68 17.58
C TYR B 71 -5.78 -2.05 16.19
N SER B 72 -6.19 -2.83 15.21
CA SER B 72 -6.33 -2.31 13.87
C SER B 72 -7.46 -1.28 13.77
N THR B 73 -8.49 -1.43 14.61
CA THR B 73 -9.60 -0.49 14.62
C THR B 73 -9.07 0.91 14.96
N ILE B 74 -8.14 0.95 15.91
CA ILE B 74 -7.55 2.22 16.33
C ILE B 74 -6.82 2.90 15.18
N TRP B 75 -5.96 2.15 14.50
CA TRP B 75 -5.23 2.70 13.35
C TRP B 75 -6.17 3.22 12.26
N LEU B 76 -7.24 2.46 11.98
CA LEU B 76 -8.21 2.90 10.98
C LEU B 76 -8.92 4.19 11.41
N ALA B 77 -9.45 4.21 12.64
CA ALA B 77 -10.17 5.37 13.14
C ALA B 77 -9.29 6.61 13.20
N ARG B 78 -8.00 6.41 13.42
CA ARG B 78 -7.04 7.51 13.49
C ARG B 78 -6.91 8.16 12.11
N GLY B 79 -7.32 7.44 11.07
CA GLY B 79 -7.23 7.97 9.72
C GLY B 79 -8.42 8.80 9.29
N LEU B 80 -9.51 8.74 10.04
CA LEU B 80 -10.70 9.51 9.72
C LEU B 80 -10.42 10.98 9.98
N SER B 81 -11.32 11.85 9.54
CA SER B 81 -11.16 13.29 9.74
C SER B 81 -12.38 13.92 10.38
N SER B 82 -13.32 14.36 9.55
CA SER B 82 -14.57 15.00 9.97
C SER B 82 -15.40 14.12 10.89
N GLY B 83 -16.63 13.85 10.45
CA GLY B 83 -17.53 13.02 11.20
C GLY B 83 -17.56 11.63 10.57
N GLY B 84 -16.36 11.08 10.38
CA GLY B 84 -16.25 9.75 9.78
C GLY B 84 -16.61 8.70 10.81
N ARG B 85 -16.75 7.45 10.36
CA ARG B 85 -17.09 6.36 11.26
C ARG B 85 -16.47 5.05 10.83
N VAL B 86 -16.25 4.18 11.81
CA VAL B 86 -15.73 2.84 11.58
C VAL B 86 -16.76 1.90 12.23
N VAL B 87 -17.23 0.92 11.48
CA VAL B 87 -18.17 -0.06 12.03
C VAL B 87 -17.32 -1.32 12.02
N THR B 88 -17.14 -1.93 13.19
CA THR B 88 -16.29 -3.10 13.24
C THR B 88 -17.06 -4.27 13.85
N LEU B 89 -16.88 -5.44 13.27
CA LEU B 89 -17.60 -6.64 13.69
C LEU B 89 -16.74 -7.67 14.42
N GLU B 90 -17.29 -8.20 15.51
CA GLU B 90 -16.61 -9.23 16.28
C GLU B 90 -17.66 -10.14 16.90
N ALA B 91 -17.48 -11.45 16.73
CA ALA B 91 -18.45 -12.42 17.25
C ALA B 91 -18.41 -12.56 18.78
N SER B 92 -17.20 -12.78 19.31
CA SER B 92 -17.01 -12.95 20.76
C SER B 92 -17.45 -11.76 21.58
N GLU B 93 -18.41 -11.97 22.48
CA GLU B 93 -18.90 -10.90 23.35
C GLU B 93 -17.74 -10.41 24.20
N LYS B 94 -17.01 -11.35 24.77
CA LYS B 94 -15.87 -11.03 25.63
C LYS B 94 -14.83 -10.17 24.91
N HIS B 95 -14.33 -10.69 23.80
CA HIS B 95 -13.31 -9.99 23.04
C HIS B 95 -13.76 -8.62 22.54
N ALA B 96 -15.04 -8.50 22.22
CA ALA B 96 -15.58 -7.22 21.75
C ALA B 96 -15.67 -6.22 22.92
N ASP B 97 -15.89 -6.72 24.13
CA ASP B 97 -15.98 -5.85 25.31
C ASP B 97 -14.61 -5.25 25.63
N ILE B 98 -13.58 -6.07 25.47
CA ILE B 98 -12.21 -5.65 25.71
C ILE B 98 -11.82 -4.66 24.61
N ALA B 99 -12.31 -4.92 23.40
CA ALA B 99 -12.01 -4.05 22.27
C ALA B 99 -12.61 -2.66 22.47
N ARG B 100 -13.88 -2.59 22.88
CA ARG B 100 -14.50 -1.29 23.08
C ARG B 100 -13.80 -0.53 24.20
N SER B 101 -13.16 -1.26 25.11
CA SER B 101 -12.43 -0.65 26.21
C SER B 101 -11.11 -0.06 25.68
N ASN B 102 -10.45 -0.81 24.80
CA ASN B 102 -9.20 -0.35 24.21
C ASN B 102 -9.44 0.85 23.32
N ILE B 103 -10.54 0.80 22.57
CA ILE B 103 -10.92 1.90 21.67
C ILE B 103 -11.19 3.13 22.52
N GLU B 104 -11.81 2.91 23.67
CA GLU B 104 -12.15 3.98 24.58
C GLU B 104 -10.91 4.67 25.13
N ARG B 105 -9.91 3.90 25.53
CA ARG B 105 -8.70 4.52 26.06
C ARG B 105 -7.92 5.27 24.98
N ALA B 106 -8.30 5.07 23.72
CA ALA B 106 -7.64 5.77 22.63
C ALA B 106 -8.52 6.97 22.25
N ASN B 107 -9.56 7.17 23.05
CA ASN B 107 -10.52 8.26 22.85
C ASN B 107 -11.11 8.31 21.44
N LEU B 108 -11.38 7.13 20.89
CA LEU B 108 -11.95 7.04 19.55
C LEU B 108 -13.31 6.35 19.58
N ASN B 109 -13.89 6.23 20.77
CA ASN B 109 -15.17 5.60 20.93
C ASN B 109 -16.28 6.43 20.28
N ASP B 110 -16.04 7.73 20.11
CA ASP B 110 -17.05 8.59 19.49
C ASP B 110 -17.04 8.46 17.96
N ARG B 111 -16.14 7.64 17.43
CA ARG B 111 -16.02 7.45 15.99
C ARG B 111 -16.12 5.97 15.58
N VAL B 112 -16.24 5.10 16.58
CA VAL B 112 -16.30 3.66 16.32
C VAL B 112 -17.53 2.97 16.91
N GLU B 113 -18.09 2.04 16.14
CA GLU B 113 -19.24 1.26 16.59
C GLU B 113 -18.81 -0.19 16.51
N VAL B 114 -18.81 -0.89 17.65
CA VAL B 114 -18.44 -2.29 17.67
C VAL B 114 -19.72 -3.12 17.71
N ARG B 115 -19.98 -3.87 16.65
CA ARG B 115 -21.19 -4.70 16.56
C ARG B 115 -20.80 -6.11 16.96
N THR B 116 -21.45 -6.64 17.99
CA THR B 116 -21.16 -7.97 18.49
C THR B 116 -22.11 -9.00 17.88
N GLY B 117 -21.60 -10.19 17.58
CA GLY B 117 -22.44 -11.23 17.00
C GLY B 117 -21.81 -11.89 15.79
N LEU B 118 -22.37 -13.01 15.36
CA LEU B 118 -21.85 -13.73 14.20
C LEU B 118 -21.69 -12.71 13.05
N ALA B 119 -20.49 -12.66 12.48
CA ALA B 119 -20.19 -11.72 11.39
C ALA B 119 -21.22 -11.75 10.26
N LEU B 120 -21.60 -12.95 9.84
CA LEU B 120 -22.58 -13.10 8.77
C LEU B 120 -23.93 -12.47 9.11
N ASP B 121 -24.38 -12.61 10.36
CA ASP B 121 -25.66 -12.02 10.74
C ASP B 121 -25.56 -10.50 10.68
N SER B 122 -24.46 -9.97 11.23
CA SER B 122 -24.26 -8.53 11.25
C SER B 122 -24.14 -7.95 9.85
N LEU B 123 -23.46 -8.67 8.96
CA LEU B 123 -23.30 -8.23 7.58
C LEU B 123 -24.68 -8.11 6.93
N GLN B 124 -25.54 -9.09 7.19
CA GLN B 124 -26.89 -9.06 6.63
C GLN B 124 -27.71 -7.94 7.24
N GLN B 125 -27.49 -7.68 8.53
CA GLN B 125 -28.21 -6.62 9.23
C GLN B 125 -27.81 -5.26 8.66
N ILE B 126 -26.52 -5.08 8.43
CA ILE B 126 -25.99 -3.84 7.86
C ILE B 126 -26.60 -3.62 6.49
N GLU B 127 -26.74 -4.70 5.72
CA GLU B 127 -27.33 -4.59 4.38
C GLU B 127 -28.80 -4.19 4.48
N ASN B 128 -29.49 -4.68 5.50
CA ASN B 128 -30.91 -4.38 5.67
C ASN B 128 -31.11 -3.04 6.36
N GLU B 129 -30.01 -2.33 6.61
CA GLU B 129 -30.06 -1.02 7.26
C GLU B 129 -29.57 0.09 6.34
N LYS B 130 -29.31 1.28 6.90
CA LYS B 130 -28.93 2.42 6.10
C LYS B 130 -27.48 2.73 6.01
N TYR B 131 -26.67 2.06 6.76
CA TYR B 131 -25.31 2.34 6.48
C TYR B 131 -25.34 2.25 5.01
N GLU B 132 -25.01 3.21 4.19
CA GLU B 132 -25.03 2.52 2.91
C GLU B 132 -23.59 2.11 2.69
N PRO B 133 -23.17 2.17 1.44
CA PRO B 133 -21.85 1.76 1.00
C PRO B 133 -20.66 2.37 1.70
N PHE B 134 -19.72 1.47 1.97
CA PHE B 134 -18.50 1.77 2.68
C PHE B 134 -17.40 2.20 1.72
N ASP B 135 -16.61 3.18 2.13
CA ASP B 135 -15.50 3.66 1.29
C ASP B 135 -14.23 2.83 1.46
N PHE B 136 -14.07 2.20 2.62
CA PHE B 136 -12.87 1.44 2.91
C PHE B 136 -13.27 0.24 3.77
N ILE B 137 -12.71 -0.93 3.46
CA ILE B 137 -13.04 -2.15 4.19
C ILE B 137 -11.80 -2.96 4.53
N PHE B 138 -11.67 -3.32 5.81
CA PHE B 138 -10.53 -4.10 6.25
C PHE B 138 -11.03 -5.44 6.74
N ILE B 139 -10.47 -6.51 6.19
CA ILE B 139 -10.85 -7.86 6.58
C ILE B 139 -9.70 -8.54 7.29
N ASP B 140 -9.91 -8.88 8.56
CA ASP B 140 -8.90 -9.54 9.36
C ASP B 140 -9.64 -10.63 10.10
N ALA B 141 -9.97 -11.70 9.39
CA ALA B 141 -10.71 -12.80 9.98
C ALA B 141 -10.04 -14.14 9.73
N ASP B 142 -10.71 -15.19 10.20
CA ASP B 142 -10.23 -16.56 10.07
C ASP B 142 -10.23 -17.03 8.63
N LYS B 143 -9.63 -18.20 8.41
CA LYS B 143 -9.58 -18.83 7.09
C LYS B 143 -10.95 -19.46 6.87
N GLN B 144 -11.24 -19.85 5.64
CA GLN B 144 -12.54 -20.43 5.31
C GLN B 144 -13.58 -19.33 5.34
N ASN B 145 -13.28 -18.23 6.02
CA ASN B 145 -14.21 -17.10 6.09
C ASN B 145 -13.83 -16.02 5.07
N ASN B 146 -12.55 -15.95 4.70
CA ASN B 146 -12.12 -14.92 3.74
C ASN B 146 -12.95 -14.83 2.47
N PRO B 147 -13.19 -15.96 1.79
CA PRO B 147 -14.00 -15.90 0.56
C PRO B 147 -15.35 -15.25 0.81
N ALA B 148 -16.02 -15.65 1.88
CA ALA B 148 -17.33 -15.08 2.20
C ALA B 148 -17.27 -13.59 2.54
N TYR B 149 -16.32 -13.22 3.40
CA TYR B 149 -16.20 -11.81 3.80
C TYR B 149 -15.82 -10.92 2.63
N PHE B 150 -15.05 -11.47 1.69
CA PHE B 150 -14.67 -10.69 0.53
C PHE B 150 -15.91 -10.38 -0.30
N GLU B 151 -16.71 -11.41 -0.59
CA GLU B 151 -17.92 -11.22 -1.37
C GLU B 151 -18.87 -10.26 -0.66
N TRP B 152 -18.95 -10.36 0.66
CA TRP B 152 -19.82 -9.45 1.39
C TRP B 152 -19.25 -8.02 1.39
N ALA B 153 -17.92 -7.90 1.39
CA ALA B 153 -17.28 -6.58 1.34
C ALA B 153 -17.72 -5.90 0.05
N LEU B 154 -17.60 -6.64 -1.04
CA LEU B 154 -17.98 -6.15 -2.38
C LEU B 154 -19.44 -5.73 -2.38
N LYS B 155 -20.27 -6.58 -1.81
CA LYS B 155 -21.70 -6.33 -1.73
C LYS B 155 -22.04 -5.01 -1.06
N LEU B 156 -21.25 -4.62 -0.07
CA LEU B 156 -21.50 -3.40 0.68
C LEU B 156 -20.59 -2.26 0.22
N SER B 157 -20.09 -2.38 -1.00
CA SER B 157 -19.19 -1.36 -1.55
C SER B 157 -19.82 -0.53 -2.66
N ARG B 158 -19.01 0.33 -3.25
CA ARG B 158 -19.40 1.16 -4.38
C ARG B 158 -18.12 1.37 -5.19
N PRO B 159 -18.24 1.83 -6.43
CA PRO B 159 -17.03 2.02 -7.23
C PRO B 159 -16.03 2.95 -6.52
N GLY B 160 -14.79 2.50 -6.41
CA GLY B 160 -13.75 3.27 -5.75
C GLY B 160 -13.43 2.76 -4.36
N THR B 161 -14.31 1.93 -3.80
CA THR B 161 -14.07 1.39 -2.46
C THR B 161 -12.76 0.62 -2.41
N VAL B 162 -12.01 0.83 -1.33
CA VAL B 162 -10.75 0.14 -1.16
C VAL B 162 -11.03 -1.00 -0.20
N ILE B 163 -10.51 -2.17 -0.53
CA ILE B 163 -10.66 -3.36 0.32
C ILE B 163 -9.31 -3.96 0.63
N ILE B 164 -8.98 -4.02 1.92
CA ILE B 164 -7.72 -4.62 2.32
C ILE B 164 -8.10 -5.88 3.07
N GLY B 165 -7.47 -6.99 2.71
CA GLY B 165 -7.78 -8.23 3.37
C GLY B 165 -6.53 -9.01 3.72
N ASP B 166 -6.38 -9.34 4.99
CA ASP B 166 -5.21 -10.09 5.42
C ASP B 166 -5.39 -11.56 5.09
N ASN B 167 -4.31 -12.20 4.66
CA ASN B 167 -4.39 -13.61 4.36
C ASN B 167 -3.60 -14.38 5.41
N VAL B 168 -2.31 -14.62 5.16
CA VAL B 168 -1.51 -15.38 6.10
C VAL B 168 -0.24 -14.71 6.61
N VAL B 169 0.17 -15.13 7.81
CA VAL B 169 1.39 -14.63 8.45
C VAL B 169 2.54 -15.54 8.03
N ARG B 170 3.64 -14.94 7.56
CA ARG B 170 4.81 -15.70 7.13
C ARG B 170 5.93 -15.65 8.16
N GLU B 171 5.83 -16.48 9.19
CA GLU B 171 6.87 -16.51 10.22
C GLU B 171 7.95 -17.50 9.84
N GLY B 172 8.38 -17.44 8.58
CA GLY B 172 9.40 -18.34 8.08
C GLY B 172 9.52 -18.31 6.57
N GLU B 173 10.75 -18.48 6.07
CA GLU B 173 11.02 -18.47 4.64
C GLU B 173 10.30 -19.64 3.95
N VAL B 174 10.72 -20.85 4.26
CA VAL B 174 10.12 -22.05 3.67
C VAL B 174 8.78 -22.31 4.35
N ILE B 175 8.17 -23.44 4.04
CA ILE B 175 6.88 -23.82 4.62
C ILE B 175 5.76 -23.02 3.97
N ILE B 187 -6.01 -19.44 0.24
CA ILE B 187 -4.69 -18.99 -0.22
C ILE B 187 -4.70 -18.95 -1.75
N ARG B 188 -4.09 -19.97 -2.35
CA ARG B 188 -4.04 -20.08 -3.80
C ARG B 188 -5.45 -19.92 -4.39
N ARG B 189 -6.41 -20.63 -3.82
CA ARG B 189 -7.79 -20.57 -4.30
C ARG B 189 -8.45 -19.21 -4.00
N PHE B 190 -8.10 -18.60 -2.88
CA PHE B 190 -8.66 -17.30 -2.50
C PHE B 190 -8.26 -16.21 -3.50
N TYR B 191 -6.98 -16.16 -3.87
CA TYR B 191 -6.52 -15.16 -4.83
C TYR B 191 -7.09 -15.50 -6.20
N GLU B 192 -7.40 -16.78 -6.40
CA GLU B 192 -7.98 -17.22 -7.66
C GLU B 192 -9.41 -16.71 -7.68
N LEU B 193 -10.01 -16.66 -6.49
CA LEU B 193 -11.36 -16.17 -6.32
C LEU B 193 -11.36 -14.71 -6.76
N ILE B 194 -10.41 -13.95 -6.20
CA ILE B 194 -10.26 -12.52 -6.52
C ILE B 194 -10.03 -12.35 -8.02
N ALA B 195 -9.11 -13.15 -8.57
CA ALA B 195 -8.80 -13.08 -9.98
C ALA B 195 -10.07 -13.38 -10.77
N ALA B 196 -10.94 -14.20 -10.20
CA ALA B 196 -12.19 -14.58 -10.85
C ALA B 196 -13.29 -13.57 -10.59
N GLU B 197 -12.94 -12.44 -9.95
CA GLU B 197 -13.91 -11.40 -9.65
C GLU B 197 -13.63 -10.14 -10.47
N PRO B 198 -14.35 -9.98 -11.60
CA PRO B 198 -14.21 -8.83 -12.51
C PRO B 198 -14.50 -7.46 -11.90
N ARG B 199 -15.31 -7.41 -10.84
CA ARG B 199 -15.65 -6.15 -10.20
C ARG B 199 -14.54 -5.50 -9.39
N VAL B 200 -13.38 -6.14 -9.30
CA VAL B 200 -12.27 -5.58 -8.55
C VAL B 200 -10.93 -5.71 -9.26
N SER B 201 -10.00 -4.84 -8.91
CA SER B 201 -8.64 -4.86 -9.44
C SER B 201 -7.80 -4.93 -8.18
N ALA B 202 -6.84 -5.85 -8.11
CA ALA B 202 -6.06 -5.98 -6.89
C ALA B 202 -4.61 -6.37 -7.04
N THR B 203 -3.87 -6.20 -5.95
CA THR B 203 -2.47 -6.58 -5.89
C THR B 203 -2.25 -7.20 -4.51
N ALA B 204 -1.09 -7.79 -4.29
CA ALA B 204 -0.77 -8.40 -3.01
C ALA B 204 0.50 -7.79 -2.45
N LEU B 205 0.50 -7.53 -1.15
CA LEU B 205 1.63 -6.93 -0.47
C LEU B 205 1.90 -7.65 0.84
N GLN B 206 3.00 -7.28 1.50
CA GLN B 206 3.34 -7.86 2.79
C GLN B 206 4.01 -6.76 3.60
N THR B 207 3.98 -6.91 4.92
CA THR B 207 4.60 -5.96 5.82
C THR B 207 5.08 -6.81 7.00
N VAL B 208 6.15 -6.39 7.67
CA VAL B 208 6.66 -7.19 8.78
C VAL B 208 5.77 -7.05 10.01
N GLY B 209 5.79 -8.07 10.85
CA GLY B 209 5.00 -8.05 12.07
C GLY B 209 5.79 -8.66 13.21
N SER B 210 5.18 -8.76 14.39
CA SER B 210 5.85 -9.34 15.55
C SER B 210 6.24 -10.79 15.33
N LYS B 211 5.33 -11.57 14.77
CA LYS B 211 5.60 -12.99 14.52
C LYS B 211 5.62 -13.33 13.03
N GLY B 212 6.48 -12.64 12.27
CA GLY B 212 6.59 -12.89 10.84
C GLY B 212 6.02 -11.77 9.98
N TYR B 213 5.87 -12.04 8.70
CA TYR B 213 5.34 -11.05 7.77
C TYR B 213 3.85 -11.25 7.53
N ASP B 214 3.11 -10.14 7.49
CA ASP B 214 1.68 -10.17 7.25
C ASP B 214 1.42 -10.07 5.76
N GLY B 215 0.78 -11.10 5.19
CA GLY B 215 0.49 -11.06 3.77
C GLY B 215 -0.92 -10.53 3.59
N PHE B 216 -1.13 -9.62 2.64
CA PHE B 216 -2.48 -9.10 2.43
C PHE B 216 -2.76 -8.62 1.01
N ILE B 217 -4.04 -8.57 0.67
CA ILE B 217 -4.46 -8.12 -0.65
C ILE B 217 -4.98 -6.68 -0.53
N MSE B 218 -4.73 -5.89 -1.57
CA MSE B 218 -5.23 -4.53 -1.61
C MSE B 218 -6.03 -4.50 -2.90
O MSE B 218 -5.47 -4.77 -3.96
CB MSE B 218 -4.09 -3.51 -1.68
CG MSE B 218 -4.61 -2.09 -1.81
SE MSE B 218 -3.21 -0.76 -1.93
CE MSE B 218 -3.10 -0.61 -3.88
N ALA B 219 -7.32 -4.21 -2.81
CA ALA B 219 -8.15 -4.17 -4.00
C ALA B 219 -9.00 -2.91 -4.08
N VAL B 220 -9.36 -2.53 -5.30
CA VAL B 220 -10.22 -1.37 -5.51
C VAL B 220 -11.40 -1.81 -6.37
N VAL B 221 -12.61 -1.48 -5.93
CA VAL B 221 -13.80 -1.87 -6.66
C VAL B 221 -13.91 -1.03 -7.93
N LYS B 222 -14.12 -1.70 -9.05
CA LYS B 222 -14.23 -1.02 -10.35
C LYS B 222 -15.56 -0.32 -10.53
#